data_7SQZ
#
_entry.id   7SQZ
#
_cell.length_a   1.00
_cell.length_b   1.00
_cell.length_c   1.00
_cell.angle_alpha   90.00
_cell.angle_beta   90.00
_cell.angle_gamma   90.00
#
_symmetry.space_group_name_H-M   'P 1'
#
_entity_poly.entity_id   1
_entity_poly.type   'polypeptide(L)'
_entity_poly.pdbx_seq_one_letter_code
;MASDAQAGPAPSRDDRVDRQPRLPAAPRVAEVGLNAPSVDYPFQWVVASYDGSEAKNLSDDLSGSATLTKVMANYRHAEL
TSVELEVCPLAAAFSKPISVSAVWTIASISPASASETSYYGGRLFTVGGPVLMSSTTHLPADLTRLNPVLKGPVKYTDCP
RFSYSVYSNGGTKGTNLCTIILRGVVRLSGPSGNLLA
;
_entity_poly.pdbx_strand_id   A,B,C
#
# COMPACT_ATOMS: atom_id res chain seq x y z
N ALA A 36 -3.79 -15.40 19.90
CA ALA A 36 -2.34 -15.28 19.86
C ALA A 36 -1.82 -14.53 21.08
N PRO A 37 -0.78 -15.08 21.72
CA PRO A 37 -0.19 -14.41 22.89
C PRO A 37 0.36 -13.04 22.50
N SER A 38 0.20 -12.09 23.42
CA SER A 38 0.63 -10.72 23.17
C SER A 38 0.95 -10.04 24.49
N VAL A 39 1.73 -8.97 24.41
CA VAL A 39 2.15 -8.19 25.57
C VAL A 39 1.81 -6.73 25.33
N ASP A 40 1.28 -6.08 26.36
CA ASP A 40 0.97 -4.66 26.29
C ASP A 40 2.25 -3.87 26.57
N TYR A 41 2.76 -3.19 25.55
CA TYR A 41 4.07 -2.54 25.65
C TYR A 41 3.87 -1.04 25.84
N PRO A 42 4.16 -0.49 27.01
CA PRO A 42 4.06 0.97 27.20
C PRO A 42 5.29 1.66 26.64
N PHE A 43 5.08 2.76 25.91
CA PHE A 43 6.17 3.51 25.30
C PHE A 43 6.01 4.99 25.64
N GLN A 44 7.15 5.68 25.69
CA GLN A 44 7.16 7.12 25.90
C GLN A 44 8.46 7.68 25.35
N TRP A 45 8.36 8.79 24.62
CA TRP A 45 9.54 9.51 24.16
C TRP A 45 9.14 10.96 23.93
N VAL A 46 10.09 11.87 24.18
CA VAL A 46 9.87 13.28 23.86
C VAL A 46 9.91 13.42 22.35
N VAL A 47 8.77 13.75 21.74
CA VAL A 47 8.71 13.86 20.29
C VAL A 47 9.65 14.96 19.81
N ALA A 48 9.57 16.14 20.43
CA ALA A 48 10.45 17.23 20.02
C ALA A 48 10.37 18.38 21.02
N SER A 49 11.49 19.03 21.25
CA SER A 49 11.55 20.25 22.04
C SER A 49 11.58 21.45 21.11
N TYR A 50 10.81 22.47 21.46
CA TYR A 50 10.58 23.62 20.58
C TYR A 50 10.76 24.92 21.33
N ASP A 51 11.31 25.91 20.63
CA ASP A 51 11.30 27.31 21.07
C ASP A 51 10.51 28.12 20.05
N GLY A 52 9.97 29.24 20.50
CA GLY A 52 9.08 30.03 19.68
C GLY A 52 9.77 30.90 18.64
N SER A 53 10.98 30.51 18.23
CA SER A 53 11.72 31.32 17.26
C SER A 53 11.01 31.37 15.91
N GLU A 54 10.48 30.22 15.45
CA GLU A 54 9.73 30.20 14.21
C GLU A 54 8.65 29.12 14.31
N ALA A 55 7.72 29.17 13.36
CA ALA A 55 6.66 28.16 13.30
C ALA A 55 7.21 26.85 12.76
N LYS A 56 6.95 25.75 13.46
CA LYS A 56 7.41 24.43 13.07
C LYS A 56 6.21 23.49 13.00
N ASN A 57 6.02 22.86 11.85
CA ASN A 57 4.90 21.95 11.63
C ASN A 57 5.43 20.54 11.46
N LEU A 58 4.90 19.60 12.26
CA LEU A 58 5.27 18.20 12.16
C LEU A 58 4.01 17.36 12.10
N SER A 59 3.88 16.56 11.04
CA SER A 59 2.82 15.57 10.91
C SER A 59 3.47 14.21 10.75
N ASP A 60 3.07 13.26 11.60
CA ASP A 60 3.72 11.96 11.62
C ASP A 60 2.69 10.85 11.82
N ASP A 61 2.87 9.77 11.05
CA ASP A 61 2.06 8.58 11.17
C ASP A 61 2.77 7.59 12.10
N LEU A 62 2.04 7.09 13.10
CA LEU A 62 2.65 6.21 14.09
C LEU A 62 3.12 4.89 13.48
N SER A 63 2.57 4.48 12.34
CA SER A 63 3.06 3.29 11.66
C SER A 63 4.44 3.50 11.07
N GLY A 64 4.74 4.71 10.59
CA GLY A 64 6.00 5.02 9.97
C GLY A 64 7.00 5.75 10.83
N SER A 65 6.70 5.99 12.11
CA SER A 65 7.63 6.68 12.99
C SER A 65 8.86 5.81 13.23
N ALA A 66 10.05 6.44 13.15
CA ALA A 66 11.29 5.69 13.27
C ALA A 66 11.45 5.09 14.66
N THR A 67 11.06 5.83 15.70
CA THR A 67 11.30 5.41 17.07
C THR A 67 10.29 4.37 17.57
N LEU A 68 9.17 4.19 16.89
CA LEU A 68 8.26 3.08 17.19
C LEU A 68 8.51 1.86 16.33
N THR A 69 8.98 2.04 15.10
CA THR A 69 9.30 0.90 14.26
C THR A 69 10.41 0.03 14.83
N LYS A 70 11.31 0.62 15.63
CA LYS A 70 12.33 -0.19 16.29
C LYS A 70 11.71 -1.07 17.37
N VAL A 71 10.66 -0.57 18.05
CA VAL A 71 9.95 -1.39 19.03
C VAL A 71 9.19 -2.50 18.33
N MET A 72 8.53 -2.19 17.22
CA MET A 72 7.71 -3.15 16.49
C MET A 72 8.49 -3.93 15.45
N ALA A 73 9.80 -3.70 15.33
CA ALA A 73 10.60 -4.46 14.36
C ALA A 73 10.69 -5.93 14.73
N ASN A 74 10.62 -6.25 16.03
CA ASN A 74 10.76 -7.62 16.49
C ASN A 74 9.44 -8.36 16.56
N TYR A 75 8.32 -7.71 16.24
CA TYR A 75 7.01 -8.33 16.28
C TYR A 75 6.30 -8.14 14.95
N ARG A 76 5.41 -9.08 14.62
CA ARG A 76 4.69 -9.03 13.36
C ARG A 76 3.41 -8.21 13.44
N HIS A 77 2.75 -8.18 14.59
CA HIS A 77 1.49 -7.46 14.74
C HIS A 77 1.58 -6.50 15.91
N ALA A 78 1.06 -5.29 15.72
CA ALA A 78 1.06 -4.25 16.75
C ALA A 78 -0.26 -3.51 16.67
N GLU A 79 -0.94 -3.40 17.81
CA GLU A 79 -2.24 -2.73 17.89
C GLU A 79 -2.23 -1.73 19.04
N LEU A 80 -2.64 -0.49 18.75
CA LEU A 80 -2.61 0.56 19.76
C LEU A 80 -3.72 0.36 20.79
N THR A 81 -3.34 0.10 22.04
CA THR A 81 -4.31 0.14 23.12
C THR A 81 -4.69 1.57 23.45
N SER A 82 -3.70 2.46 23.55
CA SER A 82 -3.93 3.87 23.79
C SER A 82 -2.70 4.65 23.39
N VAL A 83 -2.89 5.94 23.14
CA VAL A 83 -1.80 6.86 22.81
C VAL A 83 -2.33 8.28 22.93
N GLU A 84 -1.47 9.20 23.35
CA GLU A 84 -1.87 10.59 23.47
C GLU A 84 -0.64 11.48 23.28
N LEU A 85 -0.89 12.71 22.83
CA LEU A 85 0.15 13.70 22.62
C LEU A 85 0.13 14.69 23.78
N GLU A 86 1.27 14.84 24.46
CA GLU A 86 1.36 15.70 25.63
C GLU A 86 2.29 16.88 25.33
N VAL A 87 1.84 18.08 25.72
CA VAL A 87 2.64 19.30 25.54
C VAL A 87 3.03 19.84 26.91
N CYS A 88 4.21 19.46 27.37
CA CYS A 88 4.67 19.88 28.70
C CYS A 88 5.30 21.25 28.63
N PRO A 89 4.80 22.24 29.36
CA PRO A 89 5.50 23.52 29.45
C PRO A 89 6.81 23.39 30.22
N LEU A 90 7.77 24.22 29.87
CA LEU A 90 9.03 24.31 30.59
C LEU A 90 9.12 25.64 31.32
N ALA A 91 10.06 25.71 32.26
CA ALA A 91 10.14 26.88 33.14
C ALA A 91 10.33 28.17 32.36
N ALA A 92 11.10 28.14 31.27
CA ALA A 92 11.29 29.32 30.45
C ALA A 92 9.99 29.81 29.82
N ALA A 93 8.99 28.93 29.69
CA ALA A 93 7.68 29.34 29.17
C ALA A 93 6.86 30.09 30.21
N PHE A 94 7.32 30.18 31.45
CA PHE A 94 6.55 30.86 32.49
C PHE A 94 6.31 32.32 32.12
N SER A 95 7.33 32.99 31.61
CA SER A 95 7.22 34.40 31.22
C SER A 95 6.88 34.59 29.74
N LYS A 96 6.77 33.51 28.97
CA LYS A 96 6.52 33.61 27.53
C LYS A 96 5.81 32.35 27.07
N PRO A 97 4.49 32.39 26.93
CA PRO A 97 3.74 31.20 26.51
C PRO A 97 3.93 30.90 25.03
N ILE A 98 3.67 29.64 24.68
CA ILE A 98 3.68 29.18 23.30
C ILE A 98 2.33 28.55 22.98
N SER A 99 1.81 28.86 21.79
CA SER A 99 0.57 28.27 21.30
C SER A 99 0.91 27.21 20.25
N VAL A 100 0.38 26.01 20.45
CA VAL A 100 0.62 24.87 19.56
C VAL A 100 -0.73 24.27 19.20
N SER A 101 -0.99 24.14 17.90
CA SER A 101 -2.24 23.56 17.42
C SER A 101 -1.98 22.11 17.01
N ALA A 102 -2.67 21.18 17.65
CA ALA A 102 -2.43 19.75 17.46
C ALA A 102 -3.72 19.04 17.12
N VAL A 103 -3.60 17.92 16.41
CA VAL A 103 -4.77 17.14 16.01
C VAL A 103 -4.34 15.70 15.80
N TRP A 104 -5.23 14.76 16.12
CA TRP A 104 -5.10 13.35 15.81
C TRP A 104 -6.05 13.04 14.67
N THR A 105 -5.53 12.89 13.45
CA THR A 105 -6.34 12.63 12.28
C THR A 105 -6.11 11.20 11.79
N ILE A 106 -6.87 10.84 10.76
CA ILE A 106 -6.72 9.55 10.14
C ILE A 106 -5.46 9.57 9.26
N ALA A 107 -4.92 8.39 8.96
CA ALA A 107 -3.69 8.34 8.18
C ALA A 107 -3.85 8.96 6.80
N SER A 108 -5.03 8.82 6.20
CA SER A 108 -5.26 9.39 4.87
C SER A 108 -5.22 10.91 4.91
N ILE A 109 -5.82 11.51 5.93
CA ILE A 109 -5.87 12.97 6.04
C ILE A 109 -4.56 13.48 6.62
N SER A 110 -3.97 14.47 5.96
CA SER A 110 -2.74 15.12 6.41
C SER A 110 -3.01 16.61 6.52
N PRO A 111 -3.45 17.09 7.68
CA PRO A 111 -3.74 18.52 7.83
C PRO A 111 -2.51 19.39 7.60
N ALA A 112 -2.75 20.57 7.03
CA ALA A 112 -1.69 21.51 6.74
C ALA A 112 -1.28 22.27 8.00
N SER A 113 -0.24 23.09 7.86
CA SER A 113 0.27 23.86 8.98
C SER A 113 -0.75 24.92 9.40
N ALA A 114 -0.86 25.13 10.72
CA ALA A 114 -1.75 26.11 11.32
C ALA A 114 -3.21 25.89 10.96
N SER A 115 -3.57 24.66 10.59
CA SER A 115 -4.95 24.32 10.24
C SER A 115 -5.48 23.15 11.08
N GLU A 116 -4.86 22.90 12.24
CA GLU A 116 -5.26 21.75 13.05
C GLU A 116 -6.61 21.97 13.71
N THR A 117 -6.94 23.21 14.06
CA THR A 117 -8.21 23.49 14.73
C THR A 117 -9.41 23.37 13.79
N SER A 118 -9.18 23.22 12.49
CA SER A 118 -10.26 23.07 11.52
C SER A 118 -10.69 21.62 11.35
N TYR A 119 -10.09 20.69 12.07
CA TYR A 119 -10.45 19.28 12.04
C TYR A 119 -11.02 18.89 13.41
N TYR A 120 -11.95 17.94 13.40
CA TYR A 120 -12.57 17.50 14.64
C TYR A 120 -11.52 16.93 15.58
N GLY A 121 -11.57 17.36 16.84
CA GLY A 121 -10.56 17.01 17.81
C GLY A 121 -9.32 17.88 17.79
N GLY A 122 -9.22 18.80 16.83
CA GLY A 122 -8.09 19.70 16.79
C GLY A 122 -8.14 20.68 17.94
N ARG A 123 -7.10 20.71 18.76
CA ARG A 123 -7.06 21.57 19.93
C ARG A 123 -5.91 22.57 19.79
N LEU A 124 -6.02 23.66 20.54
CA LEU A 124 -5.02 24.71 20.57
C LEU A 124 -4.53 24.86 22.01
N PHE A 125 -3.27 24.51 22.25
CA PHE A 125 -2.72 24.44 23.59
C PHE A 125 -1.81 25.64 23.82
N THR A 126 -2.10 26.41 24.86
CA THR A 126 -1.29 27.55 25.23
C THR A 126 -0.53 27.19 26.50
N VAL A 127 0.77 26.92 26.37
CA VAL A 127 1.59 26.46 27.47
C VAL A 127 2.41 27.63 27.99
N GLY A 128 2.43 27.80 29.31
CA GLY A 128 3.14 28.89 29.93
C GLY A 128 2.30 29.67 30.91
N GLY A 129 2.61 30.95 31.08
CA GLY A 129 1.87 31.79 31.99
C GLY A 129 2.22 31.49 33.44
N PRO A 130 1.35 31.91 34.36
CA PRO A 130 1.60 31.65 35.79
C PRO A 130 1.22 30.25 36.25
N VAL A 131 0.60 29.44 35.40
CA VAL A 131 0.10 28.11 35.80
C VAL A 131 0.65 27.09 34.81
N LEU A 132 1.82 26.52 35.13
CA LEU A 132 2.37 25.39 34.39
C LEU A 132 1.99 24.07 35.07
N MET A 133 0.70 23.90 35.35
CA MET A 133 0.24 22.77 36.15
C MET A 133 -0.85 21.98 35.44
N SER A 134 -1.77 22.65 34.73
CA SER A 134 -2.98 22.01 34.25
C SER A 134 -2.67 20.86 33.30
N SER A 135 -3.44 19.77 33.46
CA SER A 135 -3.33 18.60 32.61
C SER A 135 -4.18 18.71 31.35
N THR A 136 -4.65 19.91 31.03
CA THR A 136 -5.45 20.13 29.82
C THR A 136 -4.62 20.05 28.55
N THR A 137 -3.30 19.93 28.66
CA THR A 137 -2.42 19.85 27.51
C THR A 137 -2.35 18.44 26.92
N HIS A 138 -3.05 17.48 27.50
CA HIS A 138 -3.12 16.14 26.95
C HIS A 138 -4.11 16.10 25.80
N LEU A 139 -3.71 15.48 24.69
CA LEU A 139 -4.60 15.26 23.54
C LEU A 139 -4.66 13.77 23.28
N PRO A 140 -5.67 13.07 23.77
CA PRO A 140 -5.75 11.63 23.54
C PRO A 140 -6.31 11.31 22.16
N ALA A 141 -5.78 10.23 21.58
CA ALA A 141 -6.27 9.75 20.30
C ALA A 141 -7.57 8.98 20.50
N ASP A 142 -8.58 9.31 19.68
CA ASP A 142 -9.86 8.61 19.72
C ASP A 142 -9.72 7.35 18.89
N LEU A 143 -9.27 6.27 19.54
CA LEU A 143 -9.00 5.02 18.84
C LEU A 143 -10.28 4.33 18.36
N THR A 144 -11.45 4.79 18.79
CA THR A 144 -12.69 4.32 18.17
C THR A 144 -12.84 4.86 16.76
N ARG A 145 -12.35 6.07 16.50
CA ARG A 145 -12.41 6.69 15.19
C ARG A 145 -11.15 6.47 14.37
N LEU A 146 -10.18 5.74 14.90
CA LEU A 146 -8.93 5.45 14.21
C LEU A 146 -8.68 3.95 14.25
N ASN A 147 -7.83 3.48 13.33
CA ASN A 147 -7.46 2.07 13.30
C ASN A 147 -6.28 1.85 14.25
N PRO A 148 -6.44 1.09 15.34
CA PRO A 148 -5.34 0.95 16.29
C PRO A 148 -4.17 0.15 15.76
N VAL A 149 -4.32 -0.56 14.64
CA VAL A 149 -3.28 -1.46 14.15
C VAL A 149 -2.18 -0.63 13.50
N LEU A 150 -1.02 -0.59 14.13
CA LEU A 150 0.15 0.08 13.58
C LEU A 150 1.04 -0.84 12.76
N LYS A 151 0.81 -2.15 12.79
CA LYS A 151 1.61 -3.10 12.04
C LYS A 151 0.82 -4.39 11.90
N GLY A 152 0.96 -5.03 10.74
CA GLY A 152 0.25 -6.26 10.45
C GLY A 152 0.63 -6.83 9.11
N PRO A 153 -0.14 -7.82 8.64
CA PRO A 153 0.13 -8.38 7.30
C PRO A 153 0.01 -7.35 6.18
N VAL A 154 -0.84 -6.34 6.35
CA VAL A 154 -1.07 -5.33 5.32
C VAL A 154 -0.80 -3.96 5.93
N LYS A 155 -0.51 -3.00 5.05
CA LYS A 155 -0.31 -1.62 5.45
C LYS A 155 -1.66 -0.90 5.43
N TYR A 156 -2.11 -0.46 6.59
CA TYR A 156 -3.40 0.20 6.70
C TYR A 156 -3.27 1.69 6.40
N THR A 157 -4.30 2.23 5.74
CA THR A 157 -4.36 3.65 5.40
C THR A 157 -5.16 4.46 6.41
N ASP A 158 -5.55 3.85 7.53
CA ASP A 158 -6.36 4.52 8.54
C ASP A 158 -5.71 4.49 9.92
N CYS A 159 -4.38 4.39 9.95
CA CYS A 159 -3.67 4.46 11.22
C CYS A 159 -3.74 5.87 11.80
N PRO A 160 -3.60 6.01 13.11
CA PRO A 160 -3.58 7.35 13.70
C PRO A 160 -2.38 8.15 13.20
N ARG A 161 -2.60 9.44 12.94
CA ARG A 161 -1.52 10.33 12.54
C ARG A 161 -1.66 11.63 13.32
N PHE A 162 -0.59 12.03 14.00
CA PHE A 162 -0.62 13.23 14.82
C PHE A 162 0.06 14.37 14.07
N SER A 163 -0.64 15.49 13.95
CA SER A 163 -0.11 16.66 13.26
C SER A 163 -0.22 17.85 14.17
N TYR A 164 0.90 18.53 14.41
CA TYR A 164 0.90 19.73 15.24
C TYR A 164 1.72 20.82 14.58
N SER A 165 1.45 22.05 14.99
CA SER A 165 2.10 23.23 14.46
C SER A 165 2.37 24.19 15.60
N VAL A 166 3.63 24.57 15.76
CA VAL A 166 4.07 25.53 16.78
C VAL A 166 4.19 26.89 16.11
N TYR A 167 3.53 27.89 16.69
CA TYR A 167 3.46 29.20 16.08
C TYR A 167 4.68 30.04 16.42
N SER A 168 4.92 31.07 15.61
CA SER A 168 6.07 31.96 15.80
C SER A 168 5.84 32.83 17.03
N ASN A 169 6.51 32.50 18.12
CA ASN A 169 6.44 33.27 19.36
C ASN A 169 7.56 34.30 19.36
N GLY A 170 7.84 34.91 20.51
CA GLY A 170 8.94 35.86 20.58
C GLY A 170 10.27 35.23 20.21
N GLY A 171 10.56 34.05 20.75
CA GLY A 171 11.73 33.30 20.34
C GLY A 171 13.03 33.75 20.98
N THR A 172 13.91 32.79 21.26
CA THR A 172 15.23 33.08 21.80
C THR A 172 16.33 32.25 21.12
N LYS A 173 15.98 31.20 20.38
CA LYS A 173 16.83 30.31 19.60
C LYS A 173 17.59 29.32 20.46
N GLY A 174 17.51 29.39 21.79
CA GLY A 174 18.25 28.46 22.62
C GLY A 174 17.53 27.94 23.83
N THR A 175 16.39 28.55 24.19
CA THR A 175 15.70 28.15 25.41
C THR A 175 15.05 26.78 25.29
N ASN A 176 14.42 26.51 24.16
CA ASN A 176 13.62 25.29 23.96
C ASN A 176 12.57 25.16 25.07
N LEU A 177 11.69 26.16 25.11
CA LEU A 177 10.75 26.35 26.21
C LEU A 177 9.41 25.66 25.97
N CYS A 178 9.39 24.57 25.22
CA CYS A 178 8.20 23.73 25.08
C CYS A 178 8.63 22.33 24.70
N THR A 179 7.83 21.34 25.07
CA THR A 179 8.13 19.95 24.75
C THR A 179 6.87 19.23 24.31
N ILE A 180 6.97 18.48 23.22
CA ILE A 180 5.91 17.61 22.72
C ILE A 180 6.35 16.18 22.94
N ILE A 181 5.51 15.39 23.61
CA ILE A 181 5.84 14.05 24.07
C ILE A 181 4.69 13.11 23.70
N LEU A 182 5.05 11.92 23.22
CA LEU A 182 4.08 10.84 22.98
C LEU A 182 4.26 9.74 24.02
N ARG A 183 3.16 9.29 24.60
CA ARG A 183 3.13 8.11 25.44
C ARG A 183 1.91 7.28 25.09
N GLY A 184 2.05 5.96 25.18
CA GLY A 184 0.94 5.09 24.88
C GLY A 184 1.29 3.65 25.17
N VAL A 185 0.41 2.75 24.74
CA VAL A 185 0.59 1.32 24.91
C VAL A 185 0.30 0.63 23.58
N VAL A 186 1.18 -0.27 23.18
CA VAL A 186 0.97 -1.10 22.00
C VAL A 186 0.97 -2.56 22.42
N ARG A 187 -0.07 -3.29 22.01
CA ARG A 187 -0.13 -4.73 22.16
C ARG A 187 0.63 -5.35 20.99
N LEU A 188 1.75 -6.01 21.29
CA LEU A 188 2.60 -6.62 20.29
C LEU A 188 2.44 -8.14 20.33
N SER A 189 2.21 -8.74 19.17
CA SER A 189 2.02 -10.17 19.07
C SER A 189 2.75 -10.70 17.85
N GLY A 190 3.12 -11.99 17.92
CA GLY A 190 3.79 -12.65 16.84
C GLY A 190 5.21 -12.17 16.62
N PRO A 191 6.10 -12.48 17.54
CA PRO A 191 7.51 -12.08 17.36
C PRO A 191 8.10 -12.72 16.11
N SER A 192 8.90 -11.94 15.39
CA SER A 192 9.54 -12.38 14.16
C SER A 192 11.01 -12.69 14.40
N GLY A 193 11.58 -13.46 13.48
CA GLY A 193 12.98 -13.81 13.57
C GLY A 193 13.90 -12.70 13.11
N ASN A 194 13.89 -11.58 13.83
CA ASN A 194 14.70 -10.43 13.50
C ASN A 194 16.03 -10.48 14.24
N LEU A 195 16.81 -9.41 14.10
CA LEU A 195 18.08 -9.32 14.82
C LEU A 195 17.84 -9.26 16.33
N LEU A 196 18.77 -9.83 17.09
CA LEU A 196 18.67 -9.83 18.54
C LEU A 196 19.36 -8.61 19.13
N ALA B 36 -12.82 -20.73 -5.87
CA ALA B 36 -12.43 -20.14 -7.14
C ALA B 36 -11.54 -21.09 -7.94
N PRO B 37 -11.82 -21.22 -9.24
CA PRO B 37 -10.97 -22.07 -10.08
C PRO B 37 -9.53 -21.59 -10.09
N SER B 38 -8.60 -22.54 -10.06
CA SER B 38 -7.19 -22.21 -9.98
C SER B 38 -6.37 -23.38 -10.51
N VAL B 39 -5.13 -23.07 -10.89
CA VAL B 39 -4.19 -24.06 -11.40
C VAL B 39 -2.91 -23.98 -10.59
N ASP B 40 -2.37 -25.15 -10.23
CA ASP B 40 -1.11 -25.22 -9.49
C ASP B 40 0.04 -25.16 -10.49
N TYR B 41 0.80 -24.07 -10.46
CA TYR B 41 1.89 -23.87 -11.39
C TYR B 41 3.21 -24.24 -10.72
N PRO B 42 3.86 -25.34 -11.11
CA PRO B 42 5.17 -25.67 -10.55
C PRO B 42 6.27 -24.90 -11.26
N PHE B 43 7.04 -24.12 -10.50
CA PHE B 43 8.10 -23.30 -11.06
C PHE B 43 9.45 -23.77 -10.52
N GLN B 44 10.47 -23.62 -11.35
CA GLN B 44 11.83 -23.93 -10.95
C GLN B 44 12.79 -23.14 -11.84
N TRP B 45 13.76 -22.48 -11.23
CA TRP B 45 14.78 -21.77 -11.99
C TRP B 45 16.02 -21.62 -11.12
N VAL B 46 17.19 -21.76 -11.73
CA VAL B 46 18.45 -21.58 -11.03
C VAL B 46 18.57 -20.11 -10.67
N VAL B 47 18.56 -19.81 -9.37
CA VAL B 47 18.68 -18.41 -8.94
C VAL B 47 20.01 -17.85 -9.39
N ALA B 48 21.11 -18.55 -9.11
CA ALA B 48 22.42 -18.08 -9.56
C ALA B 48 23.48 -19.13 -9.27
N SER B 49 24.48 -19.19 -10.15
CA SER B 49 25.64 -20.04 -9.95
C SER B 49 26.76 -19.22 -9.33
N TYR B 50 27.46 -19.81 -8.35
CA TYR B 50 28.45 -19.10 -7.57
C TYR B 50 29.73 -19.93 -7.45
N ASP B 51 30.85 -19.20 -7.42
CA ASP B 51 32.14 -19.74 -7.06
C ASP B 51 32.76 -18.85 -6.00
N GLY B 52 33.74 -19.39 -5.28
CA GLY B 52 34.31 -18.68 -4.15
C GLY B 52 35.33 -17.61 -4.53
N SER B 53 35.14 -16.99 -5.69
CA SER B 53 36.00 -15.87 -6.07
C SER B 53 35.81 -14.68 -5.13
N GLU B 54 34.56 -14.38 -4.78
CA GLU B 54 34.25 -13.30 -3.86
C GLU B 54 32.93 -13.59 -3.18
N ALA B 55 32.74 -12.98 -2.02
CA ALA B 55 31.49 -13.13 -1.28
C ALA B 55 30.38 -12.34 -1.96
N LYS B 56 29.24 -12.99 -2.17
CA LYS B 56 28.12 -12.37 -2.88
C LYS B 56 26.84 -12.56 -2.09
N ASN B 57 26.10 -11.48 -1.87
CA ASN B 57 24.86 -11.51 -1.11
C ASN B 57 23.68 -11.23 -2.02
N LEU B 58 22.64 -12.04 -1.92
CA LEU B 58 21.42 -11.86 -2.71
C LEU B 58 20.22 -12.04 -1.80
N SER B 59 19.37 -11.02 -1.74
CA SER B 59 18.10 -11.09 -1.02
C SER B 59 16.98 -10.75 -1.99
N ASP B 60 15.93 -11.56 -2.00
CA ASP B 60 14.86 -11.38 -2.96
C ASP B 60 13.51 -11.71 -2.32
N ASP B 61 12.53 -10.86 -2.60
CA ASP B 61 11.16 -11.07 -2.19
C ASP B 61 10.39 -11.76 -3.31
N LEU B 62 9.67 -12.82 -2.96
CA LEU B 62 8.99 -13.62 -3.98
C LEU B 62 7.86 -12.85 -4.67
N SER B 63 7.32 -11.82 -4.04
CA SER B 63 6.34 -10.98 -4.69
C SER B 63 6.94 -10.22 -5.86
N GLY B 64 8.18 -9.74 -5.70
CA GLY B 64 8.86 -8.97 -6.72
C GLY B 64 9.85 -9.74 -7.56
N SER B 65 9.90 -11.06 -7.46
CA SER B 65 10.81 -11.85 -8.30
C SER B 65 10.36 -11.74 -9.75
N ALA B 66 11.27 -11.26 -10.61
CA ALA B 66 10.89 -10.92 -11.98
C ALA B 66 10.39 -12.14 -12.74
N THR B 67 11.10 -13.27 -12.64
CA THR B 67 10.65 -14.49 -13.30
C THR B 67 9.30 -14.94 -12.75
N LEU B 68 9.17 -14.97 -11.43
CA LEU B 68 7.92 -15.39 -10.82
C LEU B 68 6.82 -14.37 -11.04
N THR B 69 7.17 -13.08 -11.07
CA THR B 69 6.16 -12.05 -11.37
C THR B 69 5.62 -12.20 -12.78
N LYS B 70 6.49 -12.43 -13.76
CA LYS B 70 6.00 -12.63 -15.13
C LYS B 70 5.31 -13.98 -15.30
N VAL B 71 5.59 -14.95 -14.42
CA VAL B 71 4.80 -16.17 -14.41
C VAL B 71 3.36 -15.88 -14.02
N MET B 72 3.16 -15.02 -13.01
CA MET B 72 1.85 -14.75 -12.44
C MET B 72 1.31 -13.38 -12.88
N ALA B 73 1.75 -12.90 -14.05
CA ALA B 73 1.34 -11.58 -14.50
C ALA B 73 -0.08 -11.54 -15.05
N ASN B 74 -0.63 -12.69 -15.43
CA ASN B 74 -1.96 -12.75 -16.05
C ASN B 74 -3.06 -13.18 -15.09
N TYR B 75 -2.77 -13.30 -13.80
CA TYR B 75 -3.75 -13.76 -12.83
C TYR B 75 -3.88 -12.75 -11.70
N ARG B 76 -5.12 -12.57 -11.21
CA ARG B 76 -5.36 -11.62 -10.14
C ARG B 76 -4.78 -12.10 -8.82
N HIS B 77 -4.87 -13.40 -8.55
CA HIS B 77 -4.44 -13.97 -7.28
C HIS B 77 -3.39 -15.04 -7.50
N ALA B 78 -2.37 -15.05 -6.64
CA ALA B 78 -1.31 -16.06 -6.68
C ALA B 78 -0.89 -16.37 -5.26
N GLU B 79 -0.98 -17.64 -4.88
CA GLU B 79 -0.68 -18.07 -3.52
C GLU B 79 0.26 -19.25 -3.55
N LEU B 80 1.35 -19.18 -2.78
CA LEU B 80 2.29 -20.29 -2.74
C LEU B 80 1.69 -21.50 -2.03
N THR B 81 2.02 -22.69 -2.53
CA THR B 81 1.74 -23.92 -1.80
C THR B 81 3.00 -24.54 -1.22
N SER B 82 4.14 -24.33 -1.87
CA SER B 82 5.43 -24.78 -1.37
C SER B 82 6.53 -24.02 -2.11
N VAL B 83 7.65 -23.83 -1.43
CA VAL B 83 8.82 -23.17 -2.02
C VAL B 83 10.02 -23.47 -1.13
N GLU B 84 11.18 -23.60 -1.76
CA GLU B 84 12.41 -23.85 -1.01
C GLU B 84 13.61 -23.38 -1.82
N LEU B 85 14.71 -23.15 -1.10
CA LEU B 85 15.97 -22.75 -1.71
C LEU B 85 16.94 -23.93 -1.63
N GLU B 86 17.41 -24.38 -2.79
CA GLU B 86 18.31 -25.53 -2.88
C GLU B 86 19.71 -25.06 -3.23
N VAL B 87 20.70 -25.53 -2.49
CA VAL B 87 22.10 -25.27 -2.76
C VAL B 87 22.71 -26.58 -3.24
N CYS B 88 22.87 -26.72 -4.56
CA CYS B 88 23.35 -27.98 -5.11
C CYS B 88 24.82 -27.89 -5.46
N PRO B 89 25.66 -28.76 -4.91
CA PRO B 89 27.08 -28.74 -5.25
C PRO B 89 27.33 -29.17 -6.68
N LEU B 90 28.45 -28.69 -7.23
CA LEU B 90 28.91 -29.09 -8.55
C LEU B 90 30.20 -29.89 -8.41
N ALA B 91 30.61 -30.50 -9.53
CA ALA B 91 31.79 -31.35 -9.52
C ALA B 91 33.03 -30.59 -9.08
N ALA B 92 33.20 -29.35 -9.54
CA ALA B 92 34.35 -28.54 -9.16
C ALA B 92 34.40 -28.26 -7.66
N ALA B 93 33.27 -28.39 -6.97
CA ALA B 93 33.22 -28.22 -5.52
C ALA B 93 33.69 -29.44 -4.75
N PHE B 94 34.06 -30.52 -5.46
CA PHE B 94 34.53 -31.73 -4.78
C PHE B 94 35.77 -31.43 -3.95
N SER B 95 36.70 -30.66 -4.51
CA SER B 95 37.92 -30.29 -3.81
C SER B 95 37.86 -28.92 -3.16
N LYS B 96 36.71 -28.23 -3.24
CA LYS B 96 36.63 -26.88 -2.69
C LYS B 96 35.20 -26.55 -2.29
N PRO B 97 34.81 -26.85 -1.06
CA PRO B 97 33.44 -26.54 -0.61
C PRO B 97 33.21 -25.04 -0.48
N ILE B 98 31.94 -24.66 -0.64
CA ILE B 98 31.50 -23.28 -0.43
C ILE B 98 30.56 -23.24 0.77
N SER B 99 30.73 -22.20 1.59
CA SER B 99 29.80 -21.91 2.68
C SER B 99 28.79 -20.87 2.21
N VAL B 100 27.51 -21.15 2.45
CA VAL B 100 26.42 -20.25 2.08
C VAL B 100 25.47 -20.16 3.26
N SER B 101 25.23 -18.95 3.75
CA SER B 101 24.30 -18.73 4.85
C SER B 101 22.98 -18.22 4.29
N ALA B 102 21.90 -18.92 4.58
CA ALA B 102 20.61 -18.61 3.97
C ALA B 102 19.53 -18.52 5.04
N VAL B 103 18.47 -17.75 4.73
CA VAL B 103 17.37 -17.55 5.65
C VAL B 103 16.12 -17.20 4.86
N TRP B 104 14.97 -17.66 5.36
CA TRP B 104 13.65 -17.26 4.88
C TRP B 104 13.01 -16.37 5.93
N THR B 105 12.70 -15.14 5.57
CA THR B 105 12.10 -14.18 6.48
C THR B 105 10.84 -13.60 5.84
N ILE B 106 10.17 -12.71 6.57
CA ILE B 106 9.07 -11.96 6.01
C ILE B 106 9.62 -10.82 5.16
N ALA B 107 8.78 -10.29 4.26
CA ALA B 107 9.21 -9.22 3.38
C ALA B 107 9.61 -7.97 4.15
N SER B 108 9.05 -7.76 5.35
CA SER B 108 9.43 -6.60 6.15
C SER B 108 10.89 -6.66 6.58
N ILE B 109 11.36 -7.84 6.95
CA ILE B 109 12.73 -8.02 7.43
C ILE B 109 13.64 -8.28 6.23
N SER B 110 14.69 -7.48 6.10
CA SER B 110 15.67 -7.63 5.04
C SER B 110 17.04 -7.87 5.65
N PRO B 111 17.51 -9.11 5.73
CA PRO B 111 18.83 -9.37 6.33
C PRO B 111 19.95 -8.72 5.55
N ALA B 112 21.00 -8.35 6.26
CA ALA B 112 22.18 -7.74 5.65
C ALA B 112 23.10 -8.81 5.10
N SER B 113 24.17 -8.37 4.42
CA SER B 113 25.12 -9.29 3.82
C SER B 113 25.90 -10.03 4.91
N ALA B 114 26.06 -11.35 4.70
CA ALA B 114 26.83 -12.21 5.60
C ALA B 114 26.31 -12.12 7.04
N SER B 115 24.99 -12.02 7.19
CA SER B 115 24.38 -11.95 8.51
C SER B 115 23.10 -12.77 8.59
N GLU B 116 22.99 -13.80 7.75
CA GLU B 116 21.78 -14.62 7.72
C GLU B 116 21.69 -15.56 8.92
N THR B 117 22.80 -15.84 9.59
CA THR B 117 22.80 -16.70 10.76
C THR B 117 22.39 -15.97 12.03
N SER B 118 22.20 -14.66 11.97
CA SER B 118 21.74 -13.89 13.11
C SER B 118 20.22 -13.74 13.16
N TYR B 119 19.52 -14.34 12.20
CA TYR B 119 18.06 -14.35 12.18
C TYR B 119 17.59 -15.78 12.41
N TYR B 120 16.47 -15.92 13.13
CA TYR B 120 15.96 -17.25 13.45
C TYR B 120 15.61 -18.01 12.19
N GLY B 121 16.06 -19.27 12.12
CA GLY B 121 15.89 -20.07 10.94
C GLY B 121 17.02 -19.98 9.94
N GLY B 122 17.94 -19.03 10.11
CA GLY B 122 19.06 -18.93 9.21
C GLY B 122 20.03 -20.08 9.43
N ARG B 123 20.37 -20.78 8.36
CA ARG B 123 21.24 -21.94 8.42
C ARG B 123 22.45 -21.73 7.52
N LEU B 124 23.59 -22.26 7.98
CA LEU B 124 24.88 -22.07 7.32
C LEU B 124 25.24 -23.39 6.62
N PHE B 125 24.83 -23.50 5.37
CA PHE B 125 25.09 -24.69 4.57
C PHE B 125 26.54 -24.70 4.09
N THR B 126 27.07 -25.90 3.90
CA THR B 126 28.39 -26.09 3.31
C THR B 126 28.27 -27.18 2.25
N VAL B 127 28.61 -26.84 1.01
CA VAL B 127 28.45 -27.75 -0.12
C VAL B 127 29.82 -28.09 -0.68
N GLY B 128 30.07 -29.37 -0.88
CA GLY B 128 31.33 -29.85 -1.42
C GLY B 128 31.82 -31.05 -0.66
N GLY B 129 33.09 -31.38 -0.88
CA GLY B 129 33.70 -32.51 -0.22
C GLY B 129 33.29 -33.83 -0.85
N PRO B 130 33.61 -34.93 -0.18
CA PRO B 130 33.23 -36.26 -0.72
C PRO B 130 31.73 -36.41 -0.90
N VAL B 131 30.93 -35.79 -0.03
CA VAL B 131 29.46 -35.85 -0.15
C VAL B 131 29.05 -34.76 -1.14
N LEU B 132 28.72 -35.17 -2.37
CA LEU B 132 28.39 -34.25 -3.43
C LEU B 132 26.89 -34.17 -3.71
N MET B 133 26.06 -34.86 -2.93
CA MET B 133 24.62 -34.84 -3.12
C MET B 133 23.95 -35.15 -1.79
N SER B 134 23.11 -34.23 -1.32
CA SER B 134 22.41 -34.42 -0.06
C SER B 134 21.14 -33.57 -0.07
N SER B 135 20.11 -34.09 0.60
CA SER B 135 18.86 -33.34 0.78
C SER B 135 18.94 -32.38 1.97
N THR B 136 20.04 -32.39 2.71
CA THR B 136 20.21 -31.50 3.86
C THR B 136 20.58 -30.08 3.46
N THR B 137 20.87 -29.84 2.19
CA THR B 137 21.22 -28.51 1.70
C THR B 137 20.01 -27.73 1.20
N HIS B 138 18.81 -28.29 1.31
CA HIS B 138 17.59 -27.61 0.90
C HIS B 138 16.94 -26.96 2.11
N LEU B 139 16.64 -25.66 1.99
CA LEU B 139 15.98 -24.90 3.06
C LEU B 139 14.55 -24.59 2.62
N PRO B 140 13.55 -25.24 3.21
CA PRO B 140 12.17 -24.93 2.85
C PRO B 140 11.64 -23.74 3.64
N ALA B 141 10.67 -23.06 3.03
CA ALA B 141 10.03 -21.92 3.67
C ALA B 141 8.80 -22.41 4.43
N ASP B 142 8.68 -21.97 5.68
CA ASP B 142 7.53 -22.33 6.51
C ASP B 142 6.37 -21.41 6.13
N LEU B 143 5.58 -21.86 5.15
CA LEU B 143 4.45 -21.07 4.68
C LEU B 143 3.34 -20.96 5.70
N THR B 144 3.37 -21.76 6.76
CA THR B 144 2.44 -21.56 7.87
C THR B 144 2.83 -20.35 8.71
N ARG B 145 4.12 -20.06 8.79
CA ARG B 145 4.61 -18.87 9.50
C ARG B 145 4.64 -17.65 8.59
N LEU B 146 5.06 -17.82 7.34
CA LEU B 146 5.05 -16.73 6.36
C LEU B 146 3.68 -16.65 5.70
N ASN B 147 3.53 -15.70 4.78
CA ASN B 147 2.26 -15.54 4.07
C ASN B 147 2.39 -16.08 2.65
N PRO B 148 1.70 -17.17 2.31
CA PRO B 148 1.88 -17.76 0.97
C PRO B 148 1.41 -16.85 -0.17
N VAL B 149 0.57 -15.86 0.11
CA VAL B 149 -0.03 -15.05 -0.95
C VAL B 149 1.01 -14.10 -1.52
N LEU B 150 1.35 -14.29 -2.79
CA LEU B 150 2.27 -13.42 -3.50
C LEU B 150 1.55 -12.35 -4.33
N LYS B 151 0.26 -12.51 -4.57
CA LYS B 151 -0.50 -11.56 -5.36
C LYS B 151 -1.97 -11.68 -4.96
N GLY B 152 -2.64 -10.54 -4.83
CA GLY B 152 -4.01 -10.50 -4.42
C GLY B 152 -4.58 -9.10 -4.38
N PRO B 153 -5.74 -8.94 -3.73
CA PRO B 153 -6.34 -7.60 -3.64
C PRO B 153 -5.47 -6.58 -2.93
N VAL B 154 -4.71 -7.01 -1.92
CA VAL B 154 -3.89 -6.11 -1.12
C VAL B 154 -2.45 -6.60 -1.16
N LYS B 155 -1.51 -5.67 -1.21
CA LYS B 155 -0.09 -6.00 -1.14
C LYS B 155 0.27 -6.30 0.30
N TYR B 156 0.80 -7.50 0.55
CA TYR B 156 1.13 -7.93 1.90
C TYR B 156 2.57 -7.56 2.23
N THR B 157 2.81 -7.33 3.53
CA THR B 157 4.12 -6.96 4.01
C THR B 157 4.89 -8.12 4.64
N ASP B 158 4.27 -9.29 4.76
CA ASP B 158 4.89 -10.46 5.35
C ASP B 158 5.03 -11.60 4.34
N CYS B 159 5.18 -11.26 3.07
CA CYS B 159 5.41 -12.26 2.04
C CYS B 159 6.79 -12.89 2.23
N PRO B 160 7.00 -14.12 1.77
CA PRO B 160 8.29 -14.77 1.95
C PRO B 160 9.39 -14.06 1.18
N ARG B 161 10.54 -13.90 1.82
CA ARG B 161 11.73 -13.37 1.19
C ARG B 161 12.91 -14.25 1.57
N PHE B 162 13.72 -14.62 0.59
CA PHE B 162 14.89 -15.45 0.83
C PHE B 162 16.14 -14.62 0.69
N SER B 163 17.03 -14.71 1.68
CA SER B 163 18.29 -13.97 1.68
C SER B 163 19.42 -14.95 1.92
N TYR B 164 20.42 -14.94 1.04
CA TYR B 164 21.58 -15.79 1.19
C TYR B 164 22.85 -15.01 0.93
N SER B 165 23.94 -15.50 1.51
CA SER B 165 25.27 -14.94 1.32
C SER B 165 26.24 -16.08 1.06
N VAL B 166 27.06 -15.92 0.02
CA VAL B 166 28.03 -16.91 -0.40
C VAL B 166 29.41 -16.40 -0.01
N TYR B 167 30.12 -17.18 0.81
CA TYR B 167 31.42 -16.78 1.31
C TYR B 167 32.52 -17.29 0.39
N SER B 168 33.46 -16.41 0.05
CA SER B 168 34.54 -16.78 -0.85
C SER B 168 35.50 -17.77 -0.20
N ASN B 169 35.93 -18.76 -0.98
CA ASN B 169 36.95 -19.70 -0.53
C ASN B 169 38.19 -19.71 -1.43
N GLY B 170 38.16 -19.00 -2.55
CA GLY B 170 39.29 -18.95 -3.46
C GLY B 170 39.01 -19.56 -4.82
N GLY B 171 37.76 -19.46 -5.28
CA GLY B 171 37.43 -19.95 -6.61
C GLY B 171 38.08 -19.13 -7.71
N THR B 172 38.43 -19.80 -8.80
CA THR B 172 39.17 -19.17 -9.88
C THR B 172 38.25 -18.58 -10.96
N LYS B 173 37.25 -17.82 -10.52
CA LYS B 173 36.47 -16.93 -11.38
C LYS B 173 35.67 -17.64 -12.46
N GLY B 174 35.82 -18.96 -12.59
CA GLY B 174 35.09 -19.68 -13.63
C GLY B 174 34.63 -21.06 -13.22
N THR B 175 34.91 -21.45 -11.97
CA THR B 175 34.61 -22.82 -11.55
C THR B 175 33.12 -23.02 -11.33
N ASN B 176 32.45 -22.06 -10.70
CA ASN B 176 31.03 -22.14 -10.37
C ASN B 176 30.75 -23.40 -9.54
N LEU B 177 31.36 -23.44 -8.36
CA LEU B 177 31.33 -24.64 -7.53
C LEU B 177 29.93 -24.96 -7.01
N CYS B 178 29.03 -23.99 -6.95
CA CYS B 178 27.71 -24.24 -6.40
C CYS B 178 26.65 -23.52 -7.22
N THR B 179 25.40 -23.95 -7.06
CA THR B 179 24.26 -23.32 -7.70
C THR B 179 23.12 -23.18 -6.71
N ILE B 180 22.62 -21.97 -6.54
CA ILE B 180 21.43 -21.70 -5.75
C ILE B 180 20.24 -21.75 -6.70
N ILE B 181 19.30 -22.64 -6.39
CA ILE B 181 18.12 -22.91 -7.21
C ILE B 181 16.88 -22.75 -6.34
N LEU B 182 15.88 -22.03 -6.84
CA LEU B 182 14.61 -21.85 -6.17
C LEU B 182 13.52 -22.55 -6.97
N ARG B 183 12.79 -23.45 -6.31
CA ARG B 183 11.70 -24.15 -6.96
C ARG B 183 10.53 -24.29 -5.98
N GLY B 184 9.33 -24.36 -6.54
CA GLY B 184 8.14 -24.49 -5.73
C GLY B 184 6.91 -24.56 -6.59
N VAL B 185 5.75 -24.40 -5.95
CA VAL B 185 4.46 -24.43 -6.63
C VAL B 185 3.66 -23.21 -6.20
N VAL B 186 3.10 -22.50 -7.18
CA VAL B 186 2.24 -21.35 -6.93
C VAL B 186 0.90 -21.61 -7.59
N ARG B 187 -0.17 -21.47 -6.81
CA ARG B 187 -1.53 -21.63 -7.30
C ARG B 187 -2.02 -20.27 -7.81
N LEU B 188 -2.42 -20.22 -9.08
CA LEU B 188 -2.84 -19.00 -9.74
C LEU B 188 -4.35 -19.06 -9.98
N SER B 189 -5.06 -18.01 -9.55
CA SER B 189 -6.50 -17.96 -9.66
C SER B 189 -6.93 -16.58 -10.15
N GLY B 190 -8.09 -16.54 -10.80
CA GLY B 190 -8.67 -15.30 -11.26
C GLY B 190 -7.88 -14.64 -12.38
N PRO B 191 -7.88 -15.25 -13.56
CA PRO B 191 -7.17 -14.64 -14.70
C PRO B 191 -7.73 -13.26 -15.02
N SER B 192 -6.83 -12.34 -15.35
CA SER B 192 -7.18 -10.97 -15.69
C SER B 192 -6.85 -10.70 -17.15
N GLY B 193 -7.76 -10.04 -17.85
CA GLY B 193 -7.57 -9.73 -19.25
C GLY B 193 -6.60 -8.59 -19.49
N ASN B 194 -5.32 -8.81 -19.19
CA ASN B 194 -4.29 -7.80 -19.36
C ASN B 194 -3.62 -7.98 -20.73
N LEU B 195 -4.39 -7.72 -21.77
CA LEU B 195 -3.90 -7.83 -23.14
C LEU B 195 -3.86 -6.46 -23.82
N ALA C 36 -22.08 -1.26 11.33
CA ALA C 36 -21.60 0.09 11.04
C ALA C 36 -22.65 0.88 10.26
N PRO C 37 -23.13 1.97 10.86
CA PRO C 37 -24.11 2.82 10.16
C PRO C 37 -23.53 3.38 8.87
N SER C 38 -24.36 3.45 7.84
CA SER C 38 -23.91 3.92 6.53
C SER C 38 -25.11 4.45 5.75
N VAL C 39 -24.81 5.22 4.72
CA VAL C 39 -25.83 5.82 3.85
C VAL C 39 -25.51 5.44 2.41
N ASP C 40 -26.55 5.10 1.65
CA ASP C 40 -26.40 4.79 0.23
C ASP C 40 -26.48 6.11 -0.55
N TYR C 41 -25.32 6.63 -0.93
CA TYR C 41 -25.24 7.93 -1.58
C TYR C 41 -25.33 7.75 -3.09
N PRO C 42 -26.40 8.22 -3.74
CA PRO C 42 -26.46 8.14 -5.20
C PRO C 42 -25.73 9.31 -5.83
N PHE C 43 -24.82 9.02 -6.75
CA PHE C 43 -24.02 10.04 -7.41
C PHE C 43 -24.25 9.98 -8.92
N GLN C 44 -24.22 11.14 -9.54
CA GLN C 44 -24.32 11.25 -10.99
C GLN C 44 -23.62 12.52 -11.44
N TRP C 45 -22.80 12.42 -12.48
CA TRP C 45 -22.14 13.59 -13.02
C TRP C 45 -21.69 13.28 -14.45
N VAL C 46 -21.57 14.33 -15.24
CA VAL C 46 -21.12 14.21 -16.62
C VAL C 46 -19.60 14.20 -16.64
N VAL C 47 -19.02 13.11 -17.14
CA VAL C 47 -17.57 13.02 -17.23
C VAL C 47 -17.04 14.08 -18.18
N ALA C 48 -17.63 14.19 -19.36
CA ALA C 48 -17.30 15.23 -20.33
C ALA C 48 -18.31 15.16 -21.47
N SER C 49 -18.16 16.08 -22.40
CA SER C 49 -18.92 16.09 -23.65
C SER C 49 -17.94 16.06 -24.82
N TYR C 50 -18.22 15.21 -25.80
CA TYR C 50 -17.27 14.94 -26.86
C TYR C 50 -17.90 15.18 -28.22
N ASP C 51 -17.07 15.64 -29.16
CA ASP C 51 -17.40 15.76 -30.56
C ASP C 51 -16.30 15.13 -31.40
N GLY C 52 -16.63 14.79 -32.63
CA GLY C 52 -15.71 14.05 -33.47
C GLY C 52 -14.63 14.90 -34.12
N SER C 53 -14.22 15.97 -33.45
CA SER C 53 -13.13 16.79 -33.99
C SER C 53 -11.80 16.06 -33.89
N GLU C 54 -11.55 15.36 -32.79
CA GLU C 54 -10.35 14.55 -32.65
C GLU C 54 -10.65 13.38 -31.71
N ALA C 55 -9.85 12.34 -31.83
CA ALA C 55 -9.99 11.18 -30.94
C ALA C 55 -9.54 11.54 -29.54
N LYS C 56 -10.37 11.22 -28.55
CA LYS C 56 -10.11 11.59 -27.17
C LYS C 56 -10.16 10.33 -26.30
N ASN C 57 -9.08 10.07 -25.57
CA ASN C 57 -9.00 8.92 -24.68
C ASN C 57 -9.05 9.38 -23.23
N LEU C 58 -9.83 8.68 -22.41
CA LEU C 58 -9.89 8.99 -20.99
C LEU C 58 -10.02 7.68 -20.22
N SER C 59 -9.01 7.38 -19.40
CA SER C 59 -9.04 6.27 -18.47
C SER C 59 -8.99 6.81 -17.05
N ASP C 60 -9.81 6.25 -16.17
CA ASP C 60 -9.92 6.79 -14.83
C ASP C 60 -10.25 5.68 -13.84
N ASP C 61 -9.48 5.61 -12.76
CA ASP C 61 -9.76 4.72 -11.65
C ASP C 61 -10.74 5.40 -10.71
N LEU C 62 -11.78 4.67 -10.30
CA LEU C 62 -12.84 5.28 -9.52
C LEU C 62 -12.36 5.70 -8.13
N SER C 63 -11.31 5.09 -7.62
CA SER C 63 -10.75 5.51 -6.33
C SER C 63 -10.02 6.84 -6.44
N GLY C 64 -9.62 7.24 -7.64
CA GLY C 64 -8.87 8.47 -7.82
C GLY C 64 -9.62 9.53 -8.59
N SER C 65 -10.87 9.26 -8.94
CA SER C 65 -11.68 10.25 -9.64
C SER C 65 -11.90 11.47 -8.75
N ALA C 66 -11.70 12.66 -9.33
CA ALA C 66 -11.73 13.89 -8.52
C ALA C 66 -13.11 14.12 -7.93
N THR C 67 -14.18 13.89 -8.69
CA THR C 67 -15.52 14.12 -8.19
C THR C 67 -15.85 13.16 -7.05
N LEU C 68 -15.64 11.86 -7.27
CA LEU C 68 -15.89 10.91 -6.19
C LEU C 68 -14.94 11.13 -5.02
N THR C 69 -13.70 11.56 -5.29
CA THR C 69 -12.77 11.83 -4.21
C THR C 69 -13.28 12.98 -3.33
N LYS C 70 -13.78 14.05 -3.95
CA LYS C 70 -14.30 15.15 -3.14
C LYS C 70 -15.61 14.76 -2.46
N VAL C 71 -16.35 13.80 -3.01
CA VAL C 71 -17.55 13.32 -2.33
C VAL C 71 -17.18 12.52 -1.08
N MET C 72 -16.23 11.58 -1.21
CA MET C 72 -15.99 10.58 -0.17
C MET C 72 -14.72 10.83 0.62
N ALA C 73 -14.11 12.01 0.49
CA ALA C 73 -12.99 12.34 1.36
C ALA C 73 -13.42 12.62 2.80
N ASN C 74 -14.71 12.78 3.05
CA ASN C 74 -15.22 13.03 4.38
C ASN C 74 -15.62 11.76 5.12
N TYR C 75 -15.44 10.59 4.50
CA TYR C 75 -15.84 9.32 5.08
C TYR C 75 -14.65 8.36 5.07
N ARG C 76 -14.61 7.49 6.08
CA ARG C 76 -13.53 6.52 6.18
C ARG C 76 -13.69 5.39 5.17
N HIS C 77 -14.90 4.90 4.98
CA HIS C 77 -15.15 3.75 4.12
C HIS C 77 -16.19 4.10 3.05
N ALA C 78 -15.91 3.67 1.82
CA ALA C 78 -16.83 3.84 0.71
C ALA C 78 -16.83 2.58 -0.13
N GLU C 79 -18.03 2.11 -0.49
CA GLU C 79 -18.14 0.88 -1.28
C GLU C 79 -19.23 1.04 -2.32
N LEU C 80 -18.91 0.76 -3.58
CA LEU C 80 -19.91 0.85 -4.64
C LEU C 80 -20.98 -0.22 -4.45
N THR C 81 -22.23 0.16 -4.70
CA THR C 81 -23.30 -0.82 -4.86
C THR C 81 -23.67 -1.00 -6.32
N SER C 82 -23.56 0.07 -7.11
CA SER C 82 -23.74 0.02 -8.55
C SER C 82 -23.02 1.21 -9.16
N VAL C 83 -22.56 1.04 -10.40
CA VAL C 83 -21.95 2.13 -11.16
C VAL C 83 -21.95 1.73 -12.63
N GLU C 84 -22.08 2.74 -13.49
CA GLU C 84 -22.17 2.47 -14.92
C GLU C 84 -21.75 3.72 -15.70
N LEU C 85 -21.27 3.49 -16.91
CA LEU C 85 -21.02 4.54 -17.88
C LEU C 85 -22.20 4.61 -18.85
N GLU C 86 -22.52 5.81 -19.33
CA GLU C 86 -23.58 5.98 -20.30
C GLU C 86 -23.19 7.03 -21.32
N VAL C 87 -23.47 6.73 -22.58
CA VAL C 87 -23.20 7.64 -23.68
C VAL C 87 -24.52 8.21 -24.20
N CYS C 88 -24.86 9.42 -23.79
CA CYS C 88 -26.13 10.01 -24.19
C CYS C 88 -25.95 10.78 -25.49
N PRO C 89 -26.70 10.44 -26.54
CA PRO C 89 -26.65 11.25 -27.76
C PRO C 89 -27.28 12.60 -27.54
N LEU C 90 -26.78 13.59 -28.27
CA LEU C 90 -27.35 14.93 -28.29
C LEU C 90 -28.01 15.19 -29.63
N ALA C 91 -28.62 16.37 -29.75
CA ALA C 91 -29.32 16.71 -30.99
C ALA C 91 -28.38 16.73 -32.18
N ALA C 92 -27.18 17.30 -32.02
CA ALA C 92 -26.23 17.36 -33.11
C ALA C 92 -25.79 15.99 -33.60
N ALA C 93 -25.86 14.98 -32.74
CA ALA C 93 -25.53 13.61 -33.14
C ALA C 93 -26.58 13.00 -34.04
N PHE C 94 -27.74 13.64 -34.20
CA PHE C 94 -28.80 13.07 -35.04
C PHE C 94 -28.34 12.93 -36.49
N SER C 95 -27.65 13.93 -37.01
CA SER C 95 -27.13 13.91 -38.37
C SER C 95 -25.70 13.42 -38.46
N LYS C 96 -25.04 13.17 -37.32
CA LYS C 96 -23.65 12.75 -37.31
C LYS C 96 -23.42 11.85 -36.12
N PRO C 97 -23.59 10.54 -36.28
CA PRO C 97 -23.31 9.61 -35.18
C PRO C 97 -21.84 9.59 -34.82
N ILE C 98 -21.56 9.28 -33.56
CA ILE C 98 -20.19 9.19 -33.06
C ILE C 98 -20.03 7.87 -32.31
N SER C 99 -18.83 7.31 -32.39
CA SER C 99 -18.53 6.00 -31.84
C SER C 99 -17.57 6.12 -30.66
N VAL C 100 -17.90 5.45 -29.56
CA VAL C 100 -17.10 5.44 -28.35
C VAL C 100 -16.86 4.00 -27.94
N SER C 101 -15.60 3.64 -27.74
CA SER C 101 -15.24 2.31 -27.25
C SER C 101 -14.93 2.41 -25.76
N ALA C 102 -15.66 1.64 -24.95
CA ALA C 102 -15.58 1.74 -23.50
C ALA C 102 -15.36 0.37 -22.88
N VAL C 103 -14.76 0.37 -21.69
CA VAL C 103 -14.48 -0.86 -20.96
C VAL C 103 -14.38 -0.54 -19.48
N TRP C 104 -14.79 -1.50 -18.65
CA TRP C 104 -14.68 -1.44 -17.21
C TRP C 104 -13.66 -2.49 -16.79
N THR C 105 -12.41 -2.08 -16.63
CA THR C 105 -11.33 -3.00 -16.31
C THR C 105 -10.98 -2.90 -14.83
N ILE C 106 -10.02 -3.74 -14.43
CA ILE C 106 -9.58 -3.76 -13.04
C ILE C 106 -8.63 -2.59 -12.82
N ALA C 107 -8.41 -2.24 -11.54
CA ALA C 107 -7.55 -1.10 -11.23
C ALA C 107 -6.14 -1.31 -11.76
N SER C 108 -5.62 -2.54 -11.66
CA SER C 108 -4.26 -2.81 -12.12
C SER C 108 -4.12 -2.60 -13.63
N ILE C 109 -5.11 -3.05 -14.40
CA ILE C 109 -5.04 -2.99 -15.86
C ILE C 109 -5.49 -1.61 -16.32
N SER C 110 -4.65 -0.95 -17.12
CA SER C 110 -4.97 0.36 -17.70
C SER C 110 -4.98 0.24 -19.21
N PRO C 111 -6.15 0.12 -19.84
CA PRO C 111 -6.19 0.00 -21.30
C PRO C 111 -5.63 1.23 -21.99
N ALA C 112 -5.00 0.99 -23.15
CA ALA C 112 -4.44 2.07 -23.93
C ALA C 112 -5.53 2.77 -24.75
N SER C 113 -5.13 3.81 -25.47
CA SER C 113 -6.08 4.57 -26.28
C SER C 113 -6.58 3.75 -27.46
N ALA C 114 -7.88 3.84 -27.73
CA ALA C 114 -8.51 3.18 -28.87
C ALA C 114 -8.25 1.67 -28.87
N SER C 115 -8.22 1.07 -27.68
CA SER C 115 -7.96 -0.35 -27.54
C SER C 115 -8.87 -0.99 -26.51
N GLU C 116 -10.05 -0.40 -26.27
CA GLU C 116 -10.96 -0.93 -25.27
C GLU C 116 -11.62 -2.22 -25.74
N THR C 117 -11.80 -2.39 -27.05
CA THR C 117 -12.40 -3.61 -27.59
C THR C 117 -11.48 -4.82 -27.46
N SER C 118 -10.20 -4.61 -27.15
CA SER C 118 -9.25 -5.70 -26.99
C SER C 118 -9.26 -6.30 -25.59
N TYR C 119 -10.09 -5.78 -24.69
CA TYR C 119 -10.24 -6.29 -23.35
C TYR C 119 -11.64 -6.86 -23.18
N TYR C 120 -11.75 -7.94 -22.40
CA TYR C 120 -13.04 -8.60 -22.22
C TYR C 120 -14.03 -7.63 -21.59
N GLY C 121 -15.24 -7.60 -22.15
CA GLY C 121 -16.25 -6.65 -21.73
C GLY C 121 -16.19 -5.32 -22.45
N GLY C 122 -15.17 -5.09 -23.27
CA GLY C 122 -15.04 -3.84 -24.00
C GLY C 122 -16.07 -3.70 -25.10
N ARG C 123 -17.02 -2.80 -24.90
CA ARG C 123 -18.08 -2.55 -25.86
C ARG C 123 -17.71 -1.37 -26.76
N LEU C 124 -18.39 -1.28 -27.89
CA LEU C 124 -18.20 -0.22 -28.87
C LEU C 124 -19.57 0.36 -29.21
N PHE C 125 -19.95 1.43 -28.54
CA PHE C 125 -21.24 2.06 -28.75
C PHE C 125 -21.16 3.07 -29.89
N THR C 126 -22.29 3.23 -30.59
CA THR C 126 -22.42 4.24 -31.63
C THR C 126 -23.72 5.00 -31.37
N VAL C 127 -23.61 6.28 -31.05
CA VAL C 127 -24.75 7.11 -30.67
C VAL C 127 -25.02 8.10 -31.78
N GLY C 128 -26.27 8.21 -32.17
CA GLY C 128 -26.68 9.13 -33.21
C GLY C 128 -27.67 8.49 -34.14
N GLY C 129 -27.95 9.17 -35.24
CA GLY C 129 -28.91 8.71 -36.22
C GLY C 129 -30.34 8.96 -35.78
N PRO C 130 -31.30 8.34 -36.47
CA PRO C 130 -32.71 8.53 -36.11
C PRO C 130 -33.08 7.98 -34.74
N VAL C 131 -32.31 7.05 -34.19
CA VAL C 131 -32.58 6.48 -32.87
C VAL C 131 -31.69 7.26 -31.90
N LEU C 132 -32.26 8.33 -31.34
CA LEU C 132 -31.54 9.19 -30.42
C LEU C 132 -31.73 8.79 -28.96
N MET C 133 -32.51 7.75 -28.68
CA MET C 133 -32.73 7.27 -27.33
C MET C 133 -32.65 5.76 -27.32
N SER C 134 -31.81 5.21 -26.44
CA SER C 134 -31.65 3.77 -26.33
C SER C 134 -30.88 3.45 -25.06
N SER C 135 -31.31 2.42 -24.35
CA SER C 135 -30.62 1.95 -23.16
C SER C 135 -29.46 1.00 -23.49
N THR C 136 -29.25 0.69 -24.76
CA THR C 136 -28.18 -0.22 -25.17
C THR C 136 -26.79 0.40 -25.00
N THR C 137 -26.70 1.70 -24.75
CA THR C 137 -25.43 2.38 -24.60
C THR C 137 -24.97 2.47 -23.14
N HIS C 138 -25.65 1.76 -22.24
CA HIS C 138 -25.24 1.70 -20.84
C HIS C 138 -24.24 0.57 -20.67
N LEU C 139 -23.10 0.87 -20.06
CA LEU C 139 -22.09 -0.13 -19.71
C LEU C 139 -21.98 -0.20 -18.20
N PRO C 140 -22.59 -1.19 -17.55
CA PRO C 140 -22.48 -1.31 -16.10
C PRO C 140 -21.28 -2.13 -15.68
N ALA C 141 -20.68 -1.71 -14.56
CA ALA C 141 -19.53 -2.42 -14.02
C ALA C 141 -19.99 -3.71 -13.34
N ASP C 142 -19.17 -4.75 -13.47
CA ASP C 142 -19.45 -6.03 -12.83
C ASP C 142 -18.78 -6.03 -11.46
N LEU C 143 -19.51 -5.49 -10.47
CA LEU C 143 -18.98 -5.36 -9.12
C LEU C 143 -18.79 -6.71 -8.44
N THR C 144 -19.37 -7.78 -8.98
CA THR C 144 -19.06 -9.12 -8.48
C THR C 144 -17.67 -9.57 -8.94
N ARG C 145 -17.24 -9.13 -10.13
CA ARG C 145 -15.90 -9.40 -10.64
C ARG C 145 -14.89 -8.39 -10.12
N LEU C 146 -15.23 -7.10 -10.19
CA LEU C 146 -14.37 -6.06 -9.67
C LEU C 146 -14.54 -5.95 -8.16
N ASN C 147 -13.80 -5.03 -7.55
CA ASN C 147 -13.90 -4.81 -6.11
C ASN C 147 -14.69 -3.54 -5.85
N PRO C 148 -15.88 -3.62 -5.25
CA PRO C 148 -16.69 -2.40 -5.07
C PRO C 148 -16.07 -1.38 -4.13
N VAL C 149 -15.11 -1.75 -3.31
CA VAL C 149 -14.58 -0.86 -2.27
C VAL C 149 -13.67 0.17 -2.93
N LEU C 150 -14.06 1.43 -2.86
CA LEU C 150 -13.22 2.53 -3.33
C LEU C 150 -12.40 3.18 -2.23
N LYS C 151 -12.78 2.98 -0.97
CA LYS C 151 -12.06 3.54 0.16
C LYS C 151 -12.27 2.64 1.36
N GLY C 152 -11.22 2.48 2.16
CA GLY C 152 -11.27 1.62 3.31
C GLY C 152 -9.97 1.59 4.08
N PRO C 153 -9.84 0.66 5.02
CA PRO C 153 -8.59 0.55 5.78
C PRO C 153 -7.37 0.27 4.92
N VAL C 154 -7.54 -0.53 3.87
CA VAL C 154 -6.43 -0.91 3.00
C VAL C 154 -6.66 -0.36 1.60
N LYS C 155 -5.57 -0.24 0.85
CA LYS C 155 -5.61 0.25 -0.53
C LYS C 155 -5.71 -0.95 -1.45
N TYR C 156 -6.93 -1.26 -1.89
CA TYR C 156 -7.14 -2.37 -2.81
C TYR C 156 -6.62 -2.04 -4.19
N THR C 157 -6.17 -3.07 -4.90
CA THR C 157 -5.70 -2.95 -6.27
C THR C 157 -6.72 -3.46 -7.28
N ASP C 158 -7.96 -3.74 -6.84
CA ASP C 158 -9.00 -4.26 -7.72
C ASP C 158 -10.17 -3.28 -7.88
N CYS C 159 -9.95 -2.00 -7.62
CA CYS C 159 -11.02 -1.03 -7.78
C CYS C 159 -11.42 -0.94 -9.25
N PRO C 160 -12.68 -0.64 -9.54
CA PRO C 160 -13.11 -0.49 -10.94
C PRO C 160 -12.39 0.69 -11.58
N ARG C 161 -12.05 0.53 -12.86
CA ARG C 161 -11.47 1.62 -13.63
C ARG C 161 -12.13 1.65 -15.00
N PHE C 162 -12.71 2.78 -15.36
CA PHE C 162 -13.40 2.89 -16.64
C PHE C 162 -12.51 3.60 -17.64
N SER C 163 -12.38 3.01 -18.82
CA SER C 163 -11.59 3.57 -19.90
C SER C 163 -12.47 3.72 -21.12
N TYR C 164 -12.32 4.82 -21.85
CA TYR C 164 -13.07 4.97 -23.09
C TYR C 164 -12.28 5.82 -24.07
N SER C 165 -12.60 5.64 -25.34
CA SER C 165 -11.96 6.35 -26.44
C SER C 165 -13.04 6.77 -27.43
N VAL C 166 -13.09 8.06 -27.71
CA VAL C 166 -14.05 8.63 -28.66
C VAL C 166 -13.32 8.88 -29.98
N TYR C 167 -13.87 8.35 -31.06
CA TYR C 167 -13.26 8.45 -32.37
C TYR C 167 -13.75 9.68 -33.11
N SER C 168 -12.84 10.33 -33.83
CA SER C 168 -13.18 11.54 -34.58
C SER C 168 -13.99 11.17 -35.81
N ASN C 169 -15.07 11.91 -36.06
CA ASN C 169 -15.90 11.70 -37.24
C ASN C 169 -16.17 12.97 -38.03
N GLY C 170 -15.63 14.11 -37.61
CA GLY C 170 -15.82 15.35 -38.35
C GLY C 170 -16.54 16.43 -37.57
N GLY C 171 -16.32 16.49 -36.26
CA GLY C 171 -16.97 17.49 -35.45
C GLY C 171 -16.46 18.90 -35.74
N THR C 172 -17.21 19.88 -35.25
CA THR C 172 -16.93 21.30 -35.50
C THR C 172 -16.31 21.98 -34.29
N LYS C 173 -15.67 21.22 -33.40
CA LYS C 173 -14.89 21.73 -32.28
C LYS C 173 -15.78 22.38 -31.21
N GLY C 174 -17.08 22.48 -31.47
CA GLY C 174 -17.99 23.02 -30.49
C GLY C 174 -19.37 22.38 -30.52
N THR C 175 -19.56 21.39 -31.40
CA THR C 175 -20.89 20.85 -31.61
C THR C 175 -21.31 19.89 -30.49
N ASN C 176 -20.37 19.19 -29.87
CA ASN C 176 -20.64 18.31 -28.72
C ASN C 176 -21.70 17.26 -29.07
N LEU C 177 -21.30 16.37 -29.98
CA LEU C 177 -22.23 15.35 -30.48
C LEU C 177 -22.75 14.46 -29.35
N CYS C 178 -21.87 14.02 -28.45
CA CYS C 178 -22.27 13.10 -27.41
C CYS C 178 -21.78 13.60 -26.05
N THR C 179 -22.25 12.94 -25.00
CA THR C 179 -21.83 13.25 -23.64
C THR C 179 -21.74 11.96 -22.84
N ILE C 180 -20.79 11.91 -21.90
CA ILE C 180 -20.52 10.72 -21.10
C ILE C 180 -20.97 11.02 -19.67
N ILE C 181 -21.83 10.16 -19.13
CA ILE C 181 -22.35 10.31 -17.78
C ILE C 181 -21.98 9.08 -16.97
N LEU C 182 -21.42 9.30 -15.79
CA LEU C 182 -21.12 8.24 -14.83
C LEU C 182 -22.08 8.39 -13.65
N ARG C 183 -22.92 7.37 -13.44
CA ARG C 183 -23.89 7.39 -12.36
C ARG C 183 -23.82 6.08 -11.59
N GLY C 184 -24.10 6.17 -10.29
CA GLY C 184 -24.06 5.00 -9.45
C GLY C 184 -24.42 5.35 -8.02
N VAL C 185 -24.20 4.40 -7.13
CA VAL C 185 -24.49 4.57 -5.70
C VAL C 185 -23.30 4.08 -4.89
N VAL C 186 -22.87 4.88 -3.92
CA VAL C 186 -21.81 4.52 -2.99
C VAL C 186 -22.39 4.46 -1.59
N ARG C 187 -22.12 3.36 -0.89
CA ARG C 187 -22.42 3.23 0.53
C ARG C 187 -21.25 3.82 1.30
N LEU C 188 -21.50 4.89 2.05
CA LEU C 188 -20.48 5.62 2.78
C LEU C 188 -20.67 5.41 4.26
N SER C 189 -19.61 5.01 4.96
CA SER C 189 -19.66 4.78 6.39
C SER C 189 -18.43 5.38 7.05
N GLY C 190 -18.58 5.76 8.31
CA GLY C 190 -17.48 6.29 9.10
C GLY C 190 -17.02 7.65 8.66
N PRO C 191 -17.84 8.68 8.87
CA PRO C 191 -17.41 10.04 8.53
C PRO C 191 -16.17 10.45 9.31
N SER C 192 -15.28 11.17 8.64
CA SER C 192 -14.03 11.61 9.23
C SER C 192 -14.10 13.08 9.61
N GLY C 193 -13.27 13.47 10.58
CA GLY C 193 -13.15 14.85 10.96
C GLY C 193 -12.31 15.65 9.97
N ASN C 194 -12.84 15.86 8.78
CA ASN C 194 -12.10 16.47 7.69
C ASN C 194 -12.10 18.00 7.86
N LEU C 195 -11.66 18.70 6.81
CA LEU C 195 -11.49 20.15 6.89
C LEU C 195 -12.82 20.86 7.14
N LEU C 196 -13.85 20.49 6.40
CA LEU C 196 -15.15 21.16 6.52
C LEU C 196 -16.09 20.40 7.45
#